data_2Q3Y
#
_entry.id   2Q3Y
#
_cell.length_a   78.995
_cell.length_b   78.995
_cell.length_c   112.467
_cell.angle_alpha   90.00
_cell.angle_beta   90.00
_cell.angle_gamma   90.00
#
_symmetry.space_group_name_H-M   'P 43 21 2'
#
loop_
_entity.id
_entity.type
_entity.pdbx_description
1 polymer 'Ancestral Corticiod Receptor'
2 polymer 'Nuclear receptor 0B2'
3 non-polymer DESOXYCORTICOSTERONE
4 non-polymer GLYCEROL
5 water water
#
loop_
_entity_poly.entity_id
_entity_poly.type
_entity_poly.pdbx_seq_one_letter_code
_entity_poly.pdbx_strand_id
1 'polypeptide(L)'
;GEFLISILEAIEPEVVYAGYDNSQPDTTNYLLSSLNRLAGKQMVSVVKWAKALPGFRNLHLDDQMTLIQYSWMSLMAFSL
GWRSYKHTNGQMLYFAPDLIFNEERMQQSAMYDLCQGMRQISQEFVRLQVTYEEFLCMKVLLLLSTVPKDGLKSQASFDE
MRMNYIKELRRAIARNENNSSQNWQRFYQLTKLLDSMHDLVGGLLQFCFYTFVQSQALSVEFPEMLVEIISDQLPKVMAG
MAKPLLFHK
;
A
2 'polypeptide(L)' PAILYALLSS B
#
loop_
_chem_comp.id
_chem_comp.type
_chem_comp.name
_chem_comp.formula
1CA non-polymer DESOXYCORTICOSTERONE 'C21 H30 O3'
GOL non-polymer GLYCEROL 'C3 H8 O3'
#
# COMPACT_ATOMS: atom_id res chain seq x y z
N PHE A 3 -2.52 22.79 -8.74
CA PHE A 3 -3.55 22.31 -7.79
C PHE A 3 -3.67 20.79 -7.89
N LEU A 4 -2.65 20.16 -8.45
CA LEU A 4 -2.62 18.71 -8.60
C LEU A 4 -2.80 18.08 -7.22
N ILE A 5 -2.21 18.69 -6.20
CA ILE A 5 -2.32 18.19 -4.85
C ILE A 5 -3.71 18.46 -4.31
N SER A 6 -4.30 19.58 -4.69
CA SER A 6 -5.64 19.90 -4.22
C SER A 6 -6.50 18.68 -4.58
N ILE A 7 -6.28 18.15 -5.78
CA ILE A 7 -6.99 16.97 -6.26
C ILE A 7 -6.66 15.74 -5.41
N LEU A 8 -5.36 15.45 -5.25
CA LEU A 8 -4.93 14.31 -4.45
C LEU A 8 -5.60 14.37 -3.08
N GLU A 9 -5.73 15.58 -2.55
CA GLU A 9 -6.35 15.78 -1.25
C GLU A 9 -7.84 15.44 -1.26
N ALA A 10 -8.49 15.74 -2.38
CA ALA A 10 -9.92 15.49 -2.52
C ALA A 10 -10.27 14.04 -2.81
N ILE A 11 -9.41 13.33 -3.53
CA ILE A 11 -9.70 11.94 -3.85
C ILE A 11 -9.23 10.97 -2.78
N GLU A 12 -8.49 11.48 -1.80
CA GLU A 12 -7.99 10.65 -0.70
C GLU A 12 -9.18 9.94 -0.06
N PRO A 13 -9.20 8.60 -0.09
CA PRO A 13 -10.28 7.79 0.48
C PRO A 13 -10.62 8.14 1.92
N GLU A 14 -11.91 8.03 2.25
CA GLU A 14 -12.35 8.29 3.60
C GLU A 14 -11.96 7.04 4.42
N VAL A 15 -11.91 7.19 5.73
CA VAL A 15 -11.53 6.10 6.62
C VAL A 15 -12.35 4.83 6.39
N VAL A 16 -11.67 3.69 6.46
CA VAL A 16 -12.29 2.40 6.25
C VAL A 16 -12.28 1.61 7.58
N TYR A 17 -13.44 1.10 7.98
CA TYR A 17 -13.56 0.33 9.22
C TYR A 17 -13.39 -1.15 8.93
N ALA A 18 -12.91 -1.88 9.94
CA ALA A 18 -12.68 -3.32 9.78
C ALA A 18 -13.93 -4.18 9.97
N GLY A 19 -14.89 -3.69 10.75
CA GLY A 19 -16.10 -4.47 11.00
C GLY A 19 -15.70 -5.60 11.93
N TYR A 20 -14.71 -5.30 12.77
CA TYR A 20 -14.16 -6.22 13.75
C TYR A 20 -15.05 -6.38 14.99
N ASP A 21 -15.15 -7.61 15.51
CA ASP A 21 -15.96 -7.90 16.69
C ASP A 21 -15.07 -8.23 17.89
N ASN A 22 -14.86 -7.23 18.76
CA ASN A 22 -14.01 -7.39 19.93
C ASN A 22 -14.50 -8.41 20.97
N SER A 23 -15.74 -8.89 20.83
CA SER A 23 -16.23 -9.89 21.77
C SER A 23 -15.63 -11.25 21.42
N GLN A 24 -15.06 -11.36 20.22
CA GLN A 24 -14.43 -12.62 19.80
C GLN A 24 -13.02 -12.73 20.36
N PRO A 25 -12.56 -13.96 20.64
CA PRO A 25 -11.20 -14.12 21.18
C PRO A 25 -10.23 -13.75 20.05
N ASP A 26 -9.11 -13.09 20.39
CA ASP A 26 -8.14 -12.71 19.37
C ASP A 26 -7.16 -13.83 19.05
N THR A 27 -7.66 -14.89 18.40
CA THR A 27 -6.80 -15.99 18.01
C THR A 27 -6.03 -15.50 16.78
N THR A 28 -5.01 -16.25 16.36
CA THR A 28 -4.27 -15.84 15.18
C THR A 28 -5.22 -15.90 14.00
N ASN A 29 -6.04 -16.93 13.99
CA ASN A 29 -7.01 -17.14 12.92
C ASN A 29 -7.98 -15.97 12.79
N TYR A 30 -8.54 -15.51 13.91
CA TYR A 30 -9.49 -14.41 13.86
C TYR A 30 -8.80 -13.09 13.53
N LEU A 31 -7.63 -12.86 14.12
CA LEU A 31 -6.88 -11.63 13.85
C LEU A 31 -6.55 -11.50 12.36
N LEU A 32 -5.93 -12.53 11.78
CA LEU A 32 -5.57 -12.50 10.37
C LEU A 32 -6.78 -12.44 9.44
N SER A 33 -7.83 -13.20 9.76
CA SER A 33 -9.05 -13.19 8.95
C SER A 33 -9.69 -11.80 8.99
N SER A 34 -9.60 -11.13 10.14
CA SER A 34 -10.17 -9.80 10.26
C SER A 34 -9.39 -8.82 9.42
N LEU A 35 -8.07 -8.94 9.44
CA LEU A 35 -7.22 -8.05 8.65
C LEU A 35 -7.50 -8.27 7.18
N ASN A 36 -7.68 -9.53 6.78
CA ASN A 36 -7.97 -9.82 5.39
C ASN A 36 -9.30 -9.19 4.99
N ARG A 37 -10.26 -9.16 5.92
CA ARG A 37 -11.56 -8.55 5.61
C ARG A 37 -11.37 -7.05 5.38
N LEU A 38 -10.58 -6.43 6.26
CA LEU A 38 -10.28 -5.01 6.17
C LEU A 38 -9.60 -4.75 4.82
N ALA A 39 -8.65 -5.61 4.45
CA ALA A 39 -7.92 -5.48 3.19
C ALA A 39 -8.88 -5.49 1.99
N GLY A 40 -9.86 -6.37 2.03
CA GLY A 40 -10.83 -6.44 0.95
C GLY A 40 -11.58 -5.12 0.85
N LYS A 41 -11.98 -4.58 2.00
CA LYS A 41 -12.70 -3.31 2.02
C LYS A 41 -11.79 -2.16 1.60
N GLN A 42 -10.51 -2.24 1.95
CA GLN A 42 -9.59 -1.18 1.55
C GLN A 42 -9.31 -1.27 0.05
N MET A 43 -9.30 -2.49 -0.48
CA MET A 43 -9.05 -2.71 -1.90
C MET A 43 -10.05 -1.91 -2.72
N VAL A 44 -11.33 -2.00 -2.35
CA VAL A 44 -12.37 -1.26 -3.07
C VAL A 44 -12.02 0.22 -3.07
N SER A 45 -11.59 0.74 -1.92
CA SER A 45 -11.23 2.14 -1.82
C SER A 45 -10.00 2.55 -2.64
N VAL A 46 -9.02 1.66 -2.76
CA VAL A 46 -7.83 2.01 -3.53
C VAL A 46 -8.20 2.03 -5.01
N VAL A 47 -9.06 1.11 -5.43
CA VAL A 47 -9.48 1.08 -6.82
C VAL A 47 -10.22 2.37 -7.19
N LYS A 48 -11.22 2.73 -6.37
CA LYS A 48 -11.99 3.95 -6.63
C LYS A 48 -11.09 5.18 -6.58
N TRP A 49 -10.02 5.10 -5.78
CA TRP A 49 -9.08 6.21 -5.66
C TRP A 49 -8.18 6.29 -6.90
N ALA A 50 -7.73 5.14 -7.38
CA ALA A 50 -6.86 5.08 -8.55
C ALA A 50 -7.54 5.65 -9.79
N LYS A 51 -8.80 5.30 -9.97
CA LYS A 51 -9.57 5.78 -11.12
C LYS A 51 -9.68 7.30 -11.11
N ALA A 52 -9.70 7.90 -9.93
CA ALA A 52 -9.81 9.35 -9.81
C ALA A 52 -8.45 10.03 -9.89
N LEU A 53 -7.41 9.24 -10.05
CA LEU A 53 -6.04 9.74 -10.14
C LEU A 53 -5.71 10.35 -11.50
N PRO A 54 -5.44 11.67 -11.54
CA PRO A 54 -5.11 12.32 -12.81
C PRO A 54 -3.99 11.56 -13.51
N GLY A 55 -4.31 10.99 -14.66
CA GLY A 55 -3.31 10.25 -15.43
C GLY A 55 -3.46 8.74 -15.40
N PHE A 56 -4.10 8.22 -14.36
CA PHE A 56 -4.25 6.77 -14.26
C PHE A 56 -5.16 6.21 -15.36
N ARG A 57 -6.23 6.93 -15.66
CA ARG A 57 -7.15 6.49 -16.70
C ARG A 57 -6.55 6.52 -18.10
N ASN A 58 -5.50 7.32 -18.30
CA ASN A 58 -4.87 7.39 -19.62
C ASN A 58 -4.12 6.09 -19.93
N LEU A 59 -3.93 5.25 -18.92
CA LEU A 59 -3.23 3.99 -19.11
C LEU A 59 -4.16 2.89 -19.59
N HIS A 60 -3.59 1.90 -20.28
CA HIS A 60 -4.36 0.77 -20.78
C HIS A 60 -4.98 0.07 -19.56
N LEU A 61 -6.15 -0.54 -19.75
CA LEU A 61 -6.82 -1.21 -18.65
C LEU A 61 -5.95 -2.34 -18.10
N ASP A 62 -5.25 -3.04 -18.98
CA ASP A 62 -4.37 -4.13 -18.56
C ASP A 62 -3.32 -3.64 -17.59
N ASP A 63 -2.74 -2.49 -17.87
CA ASP A 63 -1.71 -1.93 -17.00
C ASP A 63 -2.36 -1.55 -15.66
N GLN A 64 -3.46 -0.81 -15.74
CA GLN A 64 -4.18 -0.40 -14.54
C GLN A 64 -4.35 -1.59 -13.61
N MET A 65 -4.78 -2.70 -14.19
CA MET A 65 -4.99 -3.94 -13.47
C MET A 65 -3.66 -4.40 -12.85
N THR A 66 -2.65 -4.52 -13.70
CA THR A 66 -1.32 -4.97 -13.28
C THR A 66 -0.70 -4.10 -12.18
N LEU A 67 -0.77 -2.78 -12.33
CA LEU A 67 -0.19 -1.89 -11.34
C LEU A 67 -0.81 -2.07 -9.95
N ILE A 68 -2.14 -2.00 -9.88
CA ILE A 68 -2.84 -2.17 -8.60
C ILE A 68 -2.55 -3.56 -8.03
N GLN A 69 -2.53 -4.54 -8.90
CA GLN A 69 -2.26 -5.92 -8.50
C GLN A 69 -0.87 -6.07 -7.86
N TYR A 70 0.11 -5.35 -8.39
CA TYR A 70 1.47 -5.45 -7.86
C TYR A 70 1.76 -4.53 -6.68
N SER A 71 0.96 -3.48 -6.50
CA SER A 71 1.26 -2.54 -5.43
C SER A 71 0.29 -2.39 -4.27
N TRP A 72 -0.85 -3.08 -4.32
CA TRP A 72 -1.85 -2.94 -3.24
C TRP A 72 -1.31 -3.13 -1.82
N MET A 73 -0.40 -4.07 -1.64
CA MET A 73 0.16 -4.34 -0.33
C MET A 73 1.02 -3.16 0.15
N SER A 74 1.74 -2.56 -0.77
CA SER A 74 2.60 -1.42 -0.44
C SER A 74 1.75 -0.19 -0.12
N LEU A 75 0.69 0.02 -0.89
CA LEU A 75 -0.20 1.16 -0.68
C LEU A 75 -0.85 1.11 0.71
N MET A 76 -1.39 -0.06 1.05
CA MET A 76 -2.06 -0.23 2.34
C MET A 76 -1.09 -0.18 3.50
N ALA A 77 0.10 -0.76 3.35
CA ALA A 77 1.07 -0.75 4.43
C ALA A 77 1.52 0.68 4.68
N PHE A 78 1.70 1.44 3.61
CA PHE A 78 2.13 2.83 3.68
C PHE A 78 1.06 3.71 4.33
N SER A 79 -0.20 3.51 3.96
CA SER A 79 -1.30 4.29 4.52
C SER A 79 -1.43 3.94 6.00
N LEU A 80 -1.18 2.68 6.32
CA LEU A 80 -1.22 2.19 7.70
C LEU A 80 -0.13 2.93 8.47
N GLY A 81 1.00 3.16 7.80
CA GLY A 81 2.09 3.87 8.42
C GLY A 81 1.67 5.28 8.81
N TRP A 82 1.01 5.96 7.88
CA TRP A 82 0.54 7.31 8.11
C TRP A 82 -0.49 7.35 9.24
N ARG A 83 -1.54 6.53 9.14
CA ARG A 83 -2.57 6.51 10.19
C ARG A 83 -1.96 6.29 11.57
N SER A 84 -1.03 5.35 11.67
CA SER A 84 -0.39 5.04 12.95
C SER A 84 0.44 6.21 13.45
N TYR A 85 0.93 7.02 12.52
CA TYR A 85 1.74 8.19 12.84
C TYR A 85 0.87 9.31 13.42
N LYS A 86 -0.21 9.64 12.70
CA LYS A 86 -1.11 10.71 13.13
C LYS A 86 -1.90 10.39 14.39
N HIS A 87 -2.26 9.13 14.58
CA HIS A 87 -3.05 8.73 15.75
C HIS A 87 -2.29 8.27 16.98
N THR A 88 -1.16 7.59 16.79
CA THR A 88 -0.42 7.07 17.93
C THR A 88 1.06 7.44 17.91
N ASN A 89 1.41 8.38 17.04
CA ASN A 89 2.78 8.82 16.91
C ASN A 89 3.67 7.60 16.65
N GLY A 90 3.11 6.60 15.97
CA GLY A 90 3.87 5.41 15.63
C GLY A 90 4.13 4.39 16.72
N GLN A 91 3.34 4.40 17.79
CA GLN A 91 3.54 3.42 18.86
C GLN A 91 2.71 2.17 18.60
N MET A 92 1.61 2.33 17.87
CA MET A 92 0.73 1.21 17.57
C MET A 92 0.24 1.24 16.13
N LEU A 93 -0.18 0.08 15.63
CA LEU A 93 -0.67 -0.02 14.26
C LEU A 93 -2.16 0.26 14.14
N TYR A 94 -2.48 1.44 13.61
CA TYR A 94 -3.86 1.89 13.45
C TYR A 94 -4.47 1.32 12.18
N PHE A 95 -4.67 0.01 12.15
CA PHE A 95 -5.26 -0.63 10.98
C PHE A 95 -6.57 0.02 10.60
N ALA A 96 -7.41 0.27 11.60
CA ALA A 96 -8.71 0.88 11.38
C ALA A 96 -9.17 1.41 12.72
N PRO A 97 -10.11 2.37 12.73
CA PRO A 97 -10.57 2.90 14.01
C PRO A 97 -11.05 1.81 14.97
N ASP A 98 -11.65 0.75 14.43
CA ASP A 98 -12.17 -0.33 15.28
C ASP A 98 -11.21 -1.51 15.43
N LEU A 99 -9.99 -1.38 14.92
CA LEU A 99 -9.04 -2.47 15.03
C LEU A 99 -7.64 -1.91 15.14
N ILE A 100 -7.25 -1.57 16.36
CA ILE A 100 -5.93 -1.02 16.61
C ILE A 100 -5.07 -2.13 17.21
N PHE A 101 -3.91 -2.37 16.60
CA PHE A 101 -3.02 -3.40 17.09
C PHE A 101 -2.07 -2.88 18.14
N ASN A 102 -2.18 -3.42 19.35
CA ASN A 102 -1.29 -3.06 20.44
C ASN A 102 -0.25 -4.17 20.52
N GLU A 103 0.49 -4.20 21.60
CA GLU A 103 1.53 -5.19 21.82
C GLU A 103 0.93 -6.60 21.87
N GLU A 104 -0.23 -6.73 22.50
CA GLU A 104 -0.90 -8.01 22.63
C GLU A 104 -1.37 -8.63 21.32
N ARG A 105 -2.00 -7.83 20.47
CA ARG A 105 -2.47 -8.35 19.20
C ARG A 105 -1.31 -8.67 18.25
N MET A 106 -0.24 -7.90 18.36
CA MET A 106 0.92 -8.14 17.52
C MET A 106 1.47 -9.51 17.86
N GLN A 107 1.46 -9.86 19.15
CA GLN A 107 1.95 -11.15 19.61
C GLN A 107 1.06 -12.30 19.11
N GLN A 108 -0.24 -12.21 19.41
CA GLN A 108 -1.18 -13.26 19.02
C GLN A 108 -1.40 -13.35 17.50
N SER A 109 -0.93 -12.34 16.76
CA SER A 109 -1.09 -12.33 15.31
C SER A 109 -0.16 -13.33 14.62
N ALA A 110 0.93 -13.68 15.29
CA ALA A 110 1.92 -14.63 14.78
C ALA A 110 2.84 -13.99 13.72
N MET A 111 2.69 -12.68 13.52
CA MET A 111 3.50 -11.95 12.55
C MET A 111 4.05 -10.69 13.23
N TYR A 112 4.50 -10.84 14.45
CA TYR A 112 5.03 -9.73 15.23
C TYR A 112 6.10 -8.97 14.45
N ASP A 113 7.06 -9.69 13.88
CA ASP A 113 8.12 -9.05 13.12
C ASP A 113 7.63 -8.19 11.96
N LEU A 114 6.66 -8.68 11.20
CA LEU A 114 6.13 -7.92 10.09
C LEU A 114 5.42 -6.68 10.64
N CYS A 115 4.80 -6.83 11.83
CA CYS A 115 4.12 -5.70 12.47
C CYS A 115 5.14 -4.63 12.83
N GLN A 116 6.29 -5.05 13.35
CA GLN A 116 7.34 -4.10 13.72
C GLN A 116 7.88 -3.43 12.48
N GLY A 117 8.03 -4.22 11.41
CA GLY A 117 8.52 -3.66 10.17
C GLY A 117 7.57 -2.55 9.74
N MET A 118 6.26 -2.80 9.87
CA MET A 118 5.29 -1.79 9.49
C MET A 118 5.33 -0.61 10.46
N ARG A 119 5.55 -0.89 11.74
CA ARG A 119 5.61 0.20 12.69
C ARG A 119 6.83 1.07 12.39
N GLN A 120 7.87 0.46 11.84
CA GLN A 120 9.08 1.20 11.50
C GLN A 120 8.82 2.26 10.44
N ILE A 121 7.87 1.98 9.56
CA ILE A 121 7.54 2.95 8.53
C ILE A 121 6.89 4.13 9.23
N SER A 122 6.03 3.82 10.18
CA SER A 122 5.32 4.82 10.94
C SER A 122 6.35 5.70 11.67
N GLN A 123 7.36 5.06 12.25
CA GLN A 123 8.40 5.78 12.97
C GLN A 123 9.18 6.71 12.06
N GLU A 124 9.41 6.30 10.81
CA GLU A 124 10.11 7.14 9.87
C GLU A 124 9.33 8.41 9.63
N PHE A 125 8.01 8.28 9.55
CA PHE A 125 7.14 9.44 9.35
C PHE A 125 7.38 10.38 10.51
N VAL A 126 7.56 9.80 11.70
CA VAL A 126 7.80 10.59 12.89
C VAL A 126 9.15 11.30 12.81
N ARG A 127 10.20 10.52 12.60
CA ARG A 127 11.54 11.09 12.52
C ARG A 127 11.63 12.18 11.47
N LEU A 128 11.03 11.96 10.32
CA LEU A 128 11.09 12.94 9.24
C LEU A 128 10.01 14.01 9.30
N GLN A 129 9.01 13.82 10.15
CA GLN A 129 7.91 14.76 10.26
C GLN A 129 7.32 14.96 8.86
N VAL A 130 7.09 13.84 8.17
CA VAL A 130 6.53 13.87 6.82
C VAL A 130 5.21 14.63 6.85
N THR A 131 5.00 15.51 5.87
CA THR A 131 3.79 16.30 5.80
C THR A 131 2.71 15.54 5.07
N TYR A 132 1.47 16.00 5.22
CA TYR A 132 0.33 15.36 4.58
C TYR A 132 0.51 15.39 3.06
N GLU A 133 1.00 16.50 2.54
CA GLU A 133 1.21 16.64 1.10
C GLU A 133 2.29 15.66 0.60
N GLU A 134 3.43 15.61 1.30
CA GLU A 134 4.49 14.69 0.93
C GLU A 134 3.93 13.27 0.91
N PHE A 135 3.13 12.94 1.92
CA PHE A 135 2.53 11.62 2.03
C PHE A 135 1.66 11.29 0.82
N LEU A 136 0.81 12.22 0.42
CA LEU A 136 -0.07 11.98 -0.71
C LEU A 136 0.70 11.71 -1.99
N CYS A 137 1.75 12.49 -2.23
CA CYS A 137 2.54 12.32 -3.44
C CYS A 137 3.27 10.98 -3.41
N MET A 138 3.89 10.68 -2.28
CA MET A 138 4.61 9.42 -2.13
C MET A 138 3.68 8.24 -2.40
N LYS A 139 2.46 8.29 -1.86
CA LYS A 139 1.50 7.20 -2.04
C LYS A 139 1.28 6.88 -3.51
N VAL A 140 1.12 7.91 -4.33
CA VAL A 140 0.91 7.73 -5.77
C VAL A 140 2.14 7.05 -6.39
N LEU A 141 3.33 7.53 -6.01
CA LEU A 141 4.56 6.95 -6.54
C LEU A 141 4.59 5.45 -6.29
N LEU A 142 4.09 5.04 -5.12
CA LEU A 142 4.04 3.63 -4.77
C LEU A 142 3.24 2.84 -5.80
N LEU A 143 2.09 3.39 -6.20
CA LEU A 143 1.24 2.75 -7.19
C LEU A 143 2.01 2.58 -8.51
N LEU A 144 3.03 3.40 -8.69
CA LEU A 144 3.83 3.37 -9.92
C LEU A 144 5.28 2.90 -9.69
N SER A 145 5.52 2.01 -8.73
CA SER A 145 6.90 1.58 -8.49
C SER A 145 7.21 0.09 -8.57
N THR A 146 6.22 -0.70 -8.97
CA THR A 146 6.39 -2.13 -9.13
C THR A 146 5.80 -2.46 -10.50
N VAL A 147 6.66 -2.67 -11.49
CA VAL A 147 6.20 -2.96 -12.85
C VAL A 147 6.69 -4.29 -13.40
N PRO A 148 6.06 -4.76 -14.49
CA PRO A 148 6.43 -6.02 -15.13
C PRO A 148 7.80 -5.85 -15.77
N LYS A 149 8.66 -6.85 -15.63
CA LYS A 149 9.98 -6.78 -16.24
C LYS A 149 9.85 -6.53 -17.75
N ASP A 150 8.83 -7.13 -18.36
CA ASP A 150 8.61 -6.97 -19.79
C ASP A 150 8.01 -5.64 -20.22
N GLY A 151 7.55 -4.84 -19.26
CA GLY A 151 6.99 -3.55 -19.61
C GLY A 151 5.48 -3.40 -19.60
N LEU A 152 5.04 -2.16 -19.65
CA LEU A 152 3.62 -1.83 -19.66
C LEU A 152 3.19 -1.54 -21.09
N LYS A 153 1.89 -1.58 -21.34
CA LYS A 153 1.40 -1.30 -22.68
C LYS A 153 1.40 0.20 -22.97
N SER A 154 1.13 1.00 -21.95
CA SER A 154 1.12 2.44 -22.09
C SER A 154 2.40 2.99 -21.47
N GLN A 155 3.50 2.30 -21.73
CA GLN A 155 4.81 2.65 -21.20
C GLN A 155 5.08 4.15 -21.21
N ALA A 156 4.89 4.79 -22.36
CA ALA A 156 5.13 6.22 -22.47
C ALA A 156 4.18 7.01 -21.59
N SER A 157 2.90 6.67 -21.65
CA SER A 157 1.91 7.36 -20.85
C SER A 157 2.30 7.20 -19.36
N PHE A 158 2.79 6.01 -19.02
CA PHE A 158 3.21 5.69 -17.66
C PHE A 158 4.39 6.54 -17.20
N ASP A 159 5.45 6.54 -17.99
CA ASP A 159 6.66 7.31 -17.68
C ASP A 159 6.38 8.79 -17.45
N GLU A 160 5.51 9.38 -18.26
CA GLU A 160 5.18 10.79 -18.10
C GLU A 160 4.49 11.02 -16.75
N MET A 161 3.49 10.18 -16.47
CA MET A 161 2.73 10.27 -15.24
C MET A 161 3.64 10.18 -14.01
N ARG A 162 4.54 9.20 -14.00
CA ARG A 162 5.46 9.01 -12.88
C ARG A 162 6.31 10.23 -12.64
N MET A 163 6.88 10.79 -13.69
CA MET A 163 7.71 11.99 -13.57
C MET A 163 6.90 13.16 -13.03
N ASN A 164 5.66 13.30 -13.49
CA ASN A 164 4.83 14.40 -13.01
C ASN A 164 4.61 14.30 -11.50
N TYR A 165 4.31 13.11 -11.01
CA TYR A 165 4.09 12.95 -9.58
C TYR A 165 5.38 13.10 -8.79
N ILE A 166 6.52 12.77 -9.41
CA ILE A 166 7.80 12.94 -8.74
C ILE A 166 8.03 14.44 -8.59
N LYS A 167 7.72 15.19 -9.66
CA LYS A 167 7.89 16.64 -9.60
C LYS A 167 6.94 17.21 -8.56
N GLU A 168 5.73 16.67 -8.50
CA GLU A 168 4.74 17.13 -7.54
C GLU A 168 5.31 16.95 -6.14
N LEU A 169 6.04 15.86 -5.94
CA LEU A 169 6.65 15.58 -4.64
C LEU A 169 7.64 16.69 -4.32
N ARG A 170 8.48 17.04 -5.30
CA ARG A 170 9.46 18.10 -5.14
C ARG A 170 8.75 19.39 -4.73
N ARG A 171 7.62 19.69 -5.40
CA ARG A 171 6.85 20.89 -5.09
C ARG A 171 6.43 20.88 -3.63
N ALA A 172 5.92 19.74 -3.18
CA ALA A 172 5.50 19.59 -1.80
C ALA A 172 6.71 19.91 -0.93
N ILE A 173 7.87 19.40 -1.34
CA ILE A 173 9.10 19.65 -0.60
C ILE A 173 9.49 21.12 -0.73
N GLU A 177 9.39 26.42 2.95
CA GLU A 177 9.99 26.60 1.62
C GLU A 177 11.33 25.86 1.54
N ASN A 178 12.40 26.51 2.03
CA ASN A 178 13.75 25.97 2.09
C ASN A 178 14.68 26.23 0.91
N ASN A 179 15.96 25.99 1.16
CA ASN A 179 17.02 26.16 0.16
C ASN A 179 17.18 24.90 -0.70
N SER A 180 17.81 25.05 -1.86
CA SER A 180 17.99 23.93 -2.79
C SER A 180 18.66 22.69 -2.23
N SER A 181 19.76 22.86 -1.49
CA SER A 181 20.45 21.70 -0.94
C SER A 181 19.57 20.98 0.06
N GLN A 182 18.88 21.75 0.90
CA GLN A 182 18.00 21.19 1.91
C GLN A 182 16.84 20.44 1.26
N ASN A 183 16.39 20.93 0.11
CA ASN A 183 15.30 20.27 -0.60
C ASN A 183 15.84 18.98 -1.23
N TRP A 184 17.11 18.98 -1.63
CA TRP A 184 17.71 17.79 -2.21
C TRP A 184 17.84 16.71 -1.15
N GLN A 185 18.30 17.10 0.02
CA GLN A 185 18.46 16.16 1.12
C GLN A 185 17.11 15.57 1.50
N ARG A 186 16.07 16.38 1.45
CA ARG A 186 14.73 15.94 1.80
C ARG A 186 14.25 14.91 0.79
N PHE A 187 14.46 15.22 -0.49
CA PHE A 187 14.07 14.32 -1.56
C PHE A 187 14.79 12.96 -1.40
N TYR A 188 16.08 13.02 -1.09
CA TYR A 188 16.90 11.83 -0.92
C TYR A 188 16.31 10.96 0.18
N GLN A 189 16.07 11.57 1.34
CA GLN A 189 15.52 10.87 2.49
C GLN A 189 14.13 10.30 2.22
N LEU A 190 13.26 11.10 1.59
CA LEU A 190 11.92 10.62 1.30
C LEU A 190 11.92 9.50 0.28
N THR A 191 12.83 9.54 -0.69
CA THR A 191 12.88 8.46 -1.67
C THR A 191 13.55 7.24 -1.07
N LYS A 192 14.35 7.42 -0.03
CA LYS A 192 14.98 6.29 0.65
C LYS A 192 13.85 5.50 1.33
N LEU A 193 12.91 6.23 1.91
CA LEU A 193 11.78 5.62 2.58
C LEU A 193 10.93 4.85 1.58
N LEU A 194 10.72 5.43 0.40
CA LEU A 194 9.96 4.77 -0.64
C LEU A 194 10.63 3.46 -1.06
N ASP A 195 11.94 3.49 -1.28
CA ASP A 195 12.66 2.28 -1.67
C ASP A 195 12.58 1.20 -0.58
N SER A 196 12.59 1.61 0.70
CA SER A 196 12.54 0.64 1.79
C SER A 196 11.27 -0.22 1.80
N MET A 197 10.18 0.31 1.24
CA MET A 197 8.91 -0.42 1.18
C MET A 197 9.04 -1.78 0.49
N HIS A 198 9.88 -1.85 -0.52
CA HIS A 198 10.06 -3.09 -1.26
C HIS A 198 10.47 -4.29 -0.40
N ASP A 199 11.44 -4.11 0.50
CA ASP A 199 11.85 -5.23 1.34
C ASP A 199 10.72 -5.60 2.30
N LEU A 200 10.08 -4.58 2.87
CA LEU A 200 8.97 -4.81 3.80
C LEU A 200 7.85 -5.56 3.10
N VAL A 201 7.49 -5.09 1.89
CA VAL A 201 6.43 -5.71 1.13
C VAL A 201 6.77 -7.15 0.76
N GLY A 202 8.04 -7.39 0.42
CA GLY A 202 8.46 -8.74 0.09
C GLY A 202 8.06 -9.66 1.22
N GLY A 203 8.40 -9.27 2.45
CA GLY A 203 8.06 -10.07 3.62
C GLY A 203 6.56 -10.13 3.88
N LEU A 204 5.85 -9.02 3.68
CA LEU A 204 4.41 -9.02 3.91
C LEU A 204 3.74 -9.98 2.93
N LEU A 205 4.14 -9.87 1.67
CA LEU A 205 3.59 -10.72 0.63
C LEU A 205 3.92 -12.20 0.85
N GLN A 206 5.09 -12.51 1.38
CA GLN A 206 5.44 -13.91 1.60
C GLN A 206 4.49 -14.56 2.59
N PHE A 207 4.15 -13.85 3.66
CA PHE A 207 3.23 -14.39 4.64
C PHE A 207 1.81 -14.43 4.06
N CYS A 208 1.45 -13.40 3.29
CA CYS A 208 0.14 -13.36 2.67
C CYS A 208 -0.05 -14.58 1.76
N PHE A 209 0.93 -14.83 0.90
CA PHE A 209 0.86 -15.98 0.00
C PHE A 209 0.85 -17.29 0.77
N TYR A 210 1.64 -17.36 1.84
CA TYR A 210 1.69 -18.59 2.63
C TYR A 210 0.36 -18.88 3.31
N THR A 211 -0.28 -17.85 3.87
CA THR A 211 -1.55 -18.07 4.54
C THR A 211 -2.65 -18.30 3.51
N PHE A 212 -2.51 -17.68 2.34
CA PHE A 212 -3.48 -17.83 1.27
C PHE A 212 -3.54 -19.25 0.75
N VAL A 213 -2.37 -19.84 0.51
CA VAL A 213 -2.26 -21.21 0.00
C VAL A 213 -2.89 -22.24 0.92
N GLN A 214 -2.70 -22.08 2.23
CA GLN A 214 -3.28 -23.03 3.17
C GLN A 214 -4.47 -22.42 3.94
N SER A 215 -5.17 -21.51 3.27
CA SER A 215 -6.31 -20.84 3.86
C SER A 215 -7.25 -21.75 4.64
N GLN A 216 -7.84 -22.73 3.97
CA GLN A 216 -8.79 -23.64 4.62
C GLN A 216 -8.16 -24.46 5.73
N ALA A 217 -6.95 -24.96 5.49
CA ALA A 217 -6.25 -25.78 6.48
C ALA A 217 -5.85 -24.94 7.69
N LEU A 218 -5.61 -23.65 7.46
CA LEU A 218 -5.20 -22.77 8.54
C LEU A 218 -6.38 -21.99 9.13
N SER A 219 -7.52 -22.08 8.45
CA SER A 219 -8.72 -21.37 8.88
C SER A 219 -8.47 -19.87 8.92
N VAL A 220 -7.86 -19.38 7.86
CA VAL A 220 -7.58 -17.97 7.71
C VAL A 220 -8.43 -17.59 6.52
N GLU A 221 -9.44 -16.77 6.73
CA GLU A 221 -10.33 -16.37 5.66
C GLU A 221 -9.83 -15.20 4.85
N PHE A 222 -10.22 -15.19 3.57
CA PHE A 222 -9.88 -14.12 2.65
C PHE A 222 -11.16 -13.75 1.90
N PRO A 223 -11.43 -12.45 1.73
CA PRO A 223 -12.65 -12.10 1.00
C PRO A 223 -12.45 -12.39 -0.50
N GLU A 224 -13.53 -12.74 -1.19
CA GLU A 224 -13.49 -13.11 -2.60
C GLU A 224 -12.62 -12.24 -3.48
N MET A 225 -12.78 -10.92 -3.37
CA MET A 225 -11.99 -10.00 -4.18
C MET A 225 -10.50 -10.25 -4.02
N LEU A 226 -10.07 -10.50 -2.79
CA LEU A 226 -8.66 -10.74 -2.52
C LEU A 226 -8.22 -12.08 -3.09
N VAL A 227 -9.10 -13.06 -3.01
CA VAL A 227 -8.80 -14.38 -3.52
C VAL A 227 -8.44 -14.34 -5.00
N GLU A 228 -9.19 -13.57 -5.78
CA GLU A 228 -8.93 -13.47 -7.22
C GLU A 228 -7.61 -12.74 -7.50
N ILE A 229 -7.42 -11.60 -6.82
CA ILE A 229 -6.20 -10.81 -6.97
C ILE A 229 -4.97 -11.67 -6.66
N ILE A 230 -4.94 -12.20 -5.43
CA ILE A 230 -3.81 -13.02 -4.99
C ILE A 230 -3.57 -14.23 -5.87
N SER A 231 -4.64 -14.91 -6.25
CA SER A 231 -4.55 -16.10 -7.07
C SER A 231 -3.82 -15.83 -8.39
N ASP A 232 -4.08 -14.66 -8.96
CA ASP A 232 -3.46 -14.27 -10.22
C ASP A 232 -2.07 -13.68 -9.98
N GLN A 233 -1.95 -12.85 -8.95
CA GLN A 233 -0.70 -12.20 -8.61
C GLN A 233 0.39 -13.17 -8.18
N LEU A 234 0.08 -14.06 -7.24
CA LEU A 234 1.05 -15.02 -6.71
C LEU A 234 1.99 -15.65 -7.74
N PRO A 235 1.44 -16.34 -8.75
CA PRO A 235 2.32 -16.94 -9.75
C PRO A 235 3.24 -15.94 -10.44
N LYS A 236 2.72 -14.73 -10.68
CA LYS A 236 3.52 -13.69 -11.32
C LYS A 236 4.71 -13.26 -10.47
N VAL A 237 4.49 -13.19 -9.16
CA VAL A 237 5.54 -12.78 -8.24
C VAL A 237 6.57 -13.88 -8.04
N MET A 238 6.11 -15.12 -7.99
CA MET A 238 7.00 -16.25 -7.80
C MET A 238 7.84 -16.46 -9.04
N ALA A 239 7.33 -15.98 -10.17
CA ALA A 239 8.03 -16.11 -11.45
C ALA A 239 8.97 -14.93 -11.68
N GLY A 240 9.06 -14.04 -10.70
CA GLY A 240 9.94 -12.88 -10.84
C GLY A 240 9.57 -11.99 -12.00
N MET A 241 8.27 -11.92 -12.31
CA MET A 241 7.81 -11.08 -13.42
C MET A 241 7.76 -9.61 -13.07
N ALA A 242 7.85 -9.29 -11.79
CA ALA A 242 7.80 -7.90 -11.37
C ALA A 242 9.16 -7.37 -10.93
N LYS A 243 9.37 -6.08 -11.13
CA LYS A 243 10.60 -5.42 -10.73
C LYS A 243 10.27 -4.07 -10.12
N PRO A 244 11.07 -3.63 -9.15
CA PRO A 244 10.83 -2.34 -8.50
C PRO A 244 11.49 -1.22 -9.29
N LEU A 245 10.95 -0.02 -9.16
CA LEU A 245 11.54 1.13 -9.81
C LEU A 245 12.13 1.89 -8.64
N LEU A 246 13.43 1.73 -8.43
CA LEU A 246 14.13 2.33 -7.31
C LEU A 246 14.63 3.75 -7.56
N PHE A 247 14.81 4.49 -6.47
CA PHE A 247 15.32 5.86 -6.50
C PHE A 247 16.79 5.92 -6.07
N HIS A 248 17.28 4.86 -5.42
CA HIS A 248 18.67 4.83 -4.92
C HIS A 248 19.42 3.54 -5.25
N LYS A 249 20.74 3.61 -5.20
CA LYS A 249 21.58 2.42 -5.43
C LYS A 249 21.56 1.70 -4.07
N PRO B 1 -8.55 -11.84 -11.93
CA PRO B 1 -9.14 -10.89 -10.96
C PRO B 1 -10.46 -10.31 -11.51
N ALA B 2 -11.45 -11.17 -11.64
CA ALA B 2 -12.77 -10.80 -12.16
C ALA B 2 -13.43 -9.60 -11.48
N ILE B 3 -13.60 -9.69 -10.16
CA ILE B 3 -14.22 -8.61 -9.41
C ILE B 3 -13.49 -7.29 -9.61
N LEU B 4 -12.17 -7.33 -9.58
CA LEU B 4 -11.35 -6.14 -9.75
C LEU B 4 -11.53 -5.51 -11.14
N TYR B 5 -11.40 -6.33 -12.18
CA TYR B 5 -11.54 -5.86 -13.56
C TYR B 5 -12.90 -5.17 -13.77
N ALA B 6 -13.95 -5.79 -13.26
CA ALA B 6 -15.30 -5.26 -13.38
C ALA B 6 -15.43 -3.94 -12.64
N LEU B 7 -14.65 -3.77 -11.58
CA LEU B 7 -14.70 -2.55 -10.79
C LEU B 7 -13.89 -1.43 -11.44
N LEU B 8 -12.84 -1.82 -12.17
CA LEU B 8 -11.98 -0.84 -12.83
C LEU B 8 -12.53 -0.33 -14.16
N SER B 9 -13.38 -1.12 -14.80
CA SER B 9 -13.95 -0.73 -16.09
C SER B 9 -15.39 -0.21 -16.02
N SER B 10 -15.69 0.62 -15.01
CA SER B 10 -17.02 1.19 -14.86
C SER B 10 -17.00 2.53 -14.14
C1 1CA C . -4.56 -4.87 6.21
C2 1CA C . -4.99 -3.43 5.87
C3 1CA C . -3.84 -2.47 6.18
C4 1CA C . -2.52 -2.90 6.04
C5 1CA C . -2.21 -4.19 5.63
C6 1CA C . -0.74 -4.55 5.46
C7 1CA C . -0.42 -5.93 6.06
C8 1CA C . -1.42 -6.98 5.55
C9 1CA C . -2.83 -6.61 6.02
C10 1CA C . -3.29 -5.26 5.44
C11 1CA C . -3.84 -7.72 5.72
C12 1CA C . -3.41 -9.06 6.34
C13 1CA C . -2.03 -9.43 5.81
C14 1CA C . -1.04 -8.33 6.17
C15 1CA C . 0.27 -8.93 5.68
C16 1CA C . 0.15 -10.39 6.16
C17 1CA C . -1.32 -10.55 6.57
C18 1CA C . -2.06 -9.68 4.30
C19 1CA C . -3.57 -5.39 3.95
C20 1CA C . -1.83 -11.94 6.19
C21 1CA C . -3.13 -12.44 6.82
O3 1CA C . -4.08 -1.34 6.59
O20 1CA C . -1.19 -12.65 5.41
O21 1CA C . -3.60 -13.63 6.19
C1 GOL D . 7.09 -14.17 18.22
O1 GOL D . 6.86 -15.57 18.11
C2 GOL D . 5.79 -13.41 18.00
O2 GOL D . 4.85 -13.72 19.04
C3 GOL D . 5.19 -13.78 16.64
O3 GOL D . 3.96 -13.08 16.46
#